data_4Z3H
#
_entry.id   4Z3H
#
_cell.length_a   47.350
_cell.length_b   53.770
_cell.length_c   48.320
_cell.angle_alpha   90.00
_cell.angle_beta   117.58
_cell.angle_gamma   90.00
#
_symmetry.space_group_name_H-M   'P 1 21 1'
#
loop_
_entity.id
_entity.type
_entity.pdbx_description
1 polymer 'PapG, lectin domain'
2 branched alpha-D-galactopyranose-(1-4)-beta-D-galactopyranose
3 non-polymer 4-methoxyphenol
4 water water
#
_entity_poly.entity_id   1
_entity_poly.type   'polypeptide(L)'
_entity_poly.pdbx_seq_one_letter_code
;MAWNNIVFYSLGDVNSYQGGNVVITQRPQFITSWRPGIATVTWNQCNGPEFADGSWAYYREYIAWVVFPKKVMTKNGYPL
FIEVHNKGSWSEENTGDNDSYFFLKGYKWDQRAFDTANLCQKPGETTRLTEKFDDIIFKVALPADLPLGDYSVTIPYTSG
IQRHFASYLGARFKIPYNVAKTLPRENEMLFLFKNIGG
;
_entity_poly.pdbx_strand_id   A
#
# COMPACT_ATOMS: atom_id res chain seq x y z
N MET A 1 -31.39 -3.12 11.09
CA MET A 1 -30.34 -2.16 11.44
C MET A 1 -29.29 -2.08 10.30
N ALA A 2 -28.78 -0.87 10.00
CA ALA A 2 -27.75 -0.68 8.97
C ALA A 2 -26.44 -1.29 9.44
N TRP A 3 -25.65 -1.81 8.50
CA TRP A 3 -24.34 -2.37 8.86
C TRP A 3 -23.27 -2.04 7.84
N ASN A 4 -22.00 -2.09 8.29
CA ASN A 4 -20.86 -1.87 7.41
C ASN A 4 -19.73 -2.80 7.81
N ASN A 5 -19.18 -3.52 6.84
CA ASN A 5 -18.04 -4.39 7.07
C ASN A 5 -16.93 -3.91 6.19
N ILE A 6 -15.75 -3.70 6.77
CA ILE A 6 -14.60 -3.23 5.99
C ILE A 6 -13.45 -4.15 6.28
N VAL A 7 -12.82 -4.65 5.24
CA VAL A 7 -11.75 -5.63 5.38
C VAL A 7 -10.57 -5.18 4.52
N PHE A 8 -9.35 -5.18 5.09
CA PHE A 8 -8.16 -4.81 4.33
C PHE A 8 -7.36 -6.01 3.93
N TYR A 9 -7.26 -6.27 2.62
CA TYR A 9 -6.51 -7.41 2.06
C TYR A 9 -5.14 -6.93 1.66
N SER A 10 -4.13 -7.42 2.36
CA SER A 10 -2.76 -6.97 2.19
C SER A 10 -1.92 -7.84 1.27
N LEU A 11 -1.20 -7.22 0.31
CA LEU A 11 -0.30 -7.97 -0.56
C LEU A 11 1.10 -7.98 0.10
N GLY A 12 1.88 -9.01 -0.18
CA GLY A 12 3.20 -9.11 0.43
C GLY A 12 4.22 -9.84 -0.37
N ASP A 13 5.01 -9.08 -1.10
CA ASP A 13 6.08 -9.68 -1.87
C ASP A 13 7.36 -8.91 -1.75
N VAL A 14 8.45 -9.57 -2.08
CA VAL A 14 9.77 -9.01 -1.94
C VAL A 14 10.36 -8.83 -3.33
N ASN A 15 11.01 -7.69 -3.54
CA ASN A 15 11.74 -7.49 -4.77
C ASN A 15 12.98 -6.65 -4.46
N SER A 16 13.80 -6.41 -5.46
CA SER A 16 15.03 -5.66 -5.25
C SER A 16 15.31 -4.72 -6.40
N TYR A 17 16.12 -3.71 -6.14
CA TYR A 17 16.54 -2.76 -7.15
C TYR A 17 18.01 -2.56 -6.93
N GLN A 18 18.81 -2.82 -7.97
CA GLN A 18 20.27 -2.67 -7.92
C GLN A 18 20.62 -1.33 -8.55
N GLY A 19 21.03 -0.40 -7.71
CA GLY A 19 21.36 0.95 -8.13
C GLY A 19 22.78 1.16 -8.61
N GLY A 20 23.64 0.17 -8.41
CA GLY A 20 25.04 0.23 -8.81
C GLY A 20 25.85 1.29 -8.05
N ASN A 21 26.94 1.79 -8.67
CA ASN A 21 27.77 2.83 -8.09
C ASN A 21 27.08 4.18 -8.22
N VAL A 22 26.97 4.90 -7.13
N VAL A 22 26.86 4.87 -7.09
CA VAL A 22 26.30 6.21 -7.17
CA VAL A 22 26.11 6.15 -7.03
C VAL A 22 27.14 7.29 -6.50
C VAL A 22 26.95 7.26 -6.35
N VAL A 23 26.78 8.55 -6.76
CA VAL A 23 27.42 9.71 -6.12
C VAL A 23 26.28 10.49 -5.45
N ILE A 24 26.59 11.18 -4.33
CA ILE A 24 25.53 11.86 -3.56
C ILE A 24 24.76 12.98 -4.30
N THR A 25 25.29 13.43 -5.46
CA THR A 25 24.64 14.47 -6.26
C THR A 25 23.59 13.89 -7.20
N GLN A 26 23.53 12.54 -7.35
CA GLN A 26 22.59 11.92 -8.27
C GLN A 26 21.39 11.36 -7.52
N ARG A 27 20.28 11.15 -8.25
CA ARG A 27 19.06 10.65 -7.66
C ARG A 27 18.71 9.31 -8.26
N PRO A 28 19.03 8.19 -7.59
CA PRO A 28 18.54 6.87 -8.09
C PRO A 28 17.02 6.84 -8.22
N GLN A 29 16.52 6.04 -9.16
CA GLN A 29 15.08 5.99 -9.37
C GLN A 29 14.63 4.55 -9.43
N PHE A 30 13.46 4.25 -8.85
CA PHE A 30 12.91 2.91 -8.97
C PHE A 30 11.40 2.97 -9.20
N ILE A 31 10.86 1.87 -9.74
CA ILE A 31 9.43 1.78 -9.99
C ILE A 31 8.82 0.76 -9.04
N THR A 32 7.74 1.16 -8.34
CA THR A 32 6.95 0.30 -7.48
C THR A 32 5.77 -0.18 -8.35
N SER A 33 5.74 -1.49 -8.63
CA SER A 33 4.67 -2.10 -9.43
CA SER A 33 4.71 -2.12 -9.44
C SER A 33 3.74 -2.89 -8.55
N TRP A 34 2.44 -2.73 -8.82
CA TRP A 34 1.41 -3.43 -8.08
C TRP A 34 1.44 -4.87 -8.57
N ARG A 35 1.59 -5.80 -7.65
CA ARG A 35 1.72 -7.19 -7.98
C ARG A 35 0.51 -8.01 -7.54
N PRO A 36 -0.38 -8.36 -8.48
CA PRO A 36 -1.53 -9.20 -8.12
C PRO A 36 -1.05 -10.53 -7.55
N GLY A 37 -1.77 -11.05 -6.57
CA GLY A 37 -1.34 -12.30 -5.95
C GLY A 37 -2.19 -12.64 -4.75
N ILE A 38 -1.63 -13.44 -3.84
CA ILE A 38 -2.37 -13.84 -2.64
C ILE A 38 -2.27 -12.73 -1.60
N ALA A 39 -3.43 -12.32 -1.09
CA ALA A 39 -3.51 -11.28 -0.09
C ALA A 39 -3.94 -11.87 1.22
N THR A 40 -3.55 -11.23 2.32
CA THR A 40 -3.90 -11.65 3.67
C THR A 40 -4.65 -10.55 4.40
N VAL A 41 -5.74 -10.87 5.09
CA VAL A 41 -6.43 -9.85 5.86
C VAL A 41 -5.53 -9.40 6.99
N THR A 42 -5.30 -8.09 7.09
CA THR A 42 -4.51 -7.56 8.22
C THR A 42 -5.28 -6.61 9.13
N TRP A 43 -6.53 -6.28 8.76
CA TRP A 43 -7.35 -5.38 9.56
C TRP A 43 -8.78 -5.50 9.11
N ASN A 44 -9.73 -5.35 10.05
CA ASN A 44 -11.14 -5.27 9.66
C ASN A 44 -11.93 -4.48 10.68
N GLN A 45 -13.14 -4.09 10.31
CA GLN A 45 -14.07 -3.41 11.18
C GLN A 45 -15.42 -3.89 10.66
N CYS A 46 -16.11 -4.72 11.44
CA CYS A 46 -17.38 -5.31 10.99
C CYS A 46 -18.47 -5.27 12.01
N ASN A 47 -19.71 -5.00 11.57
CA ASN A 47 -20.85 -5.12 12.48
C ASN A 47 -22.03 -5.79 11.77
N GLY A 48 -21.79 -6.33 10.57
CA GLY A 48 -22.80 -7.00 9.78
C GLY A 48 -22.65 -8.50 9.72
N PRO A 49 -23.40 -9.12 8.81
CA PRO A 49 -23.30 -10.59 8.62
C PRO A 49 -21.92 -10.94 8.10
N GLU A 50 -21.49 -12.19 8.34
CA GLU A 50 -20.18 -12.60 7.85
C GLU A 50 -20.28 -13.24 6.48
N PHE A 51 -21.48 -13.71 6.09
CA PHE A 51 -21.62 -14.38 4.81
C PHE A 51 -22.88 -13.94 4.12
N ALA A 52 -22.78 -13.68 2.80
CA ALA A 52 -23.97 -13.39 2.00
C ALA A 52 -24.29 -14.68 1.24
N ASP A 53 -25.49 -15.24 1.49
CA ASP A 53 -25.91 -16.51 0.90
C ASP A 53 -26.56 -16.45 -0.50
N GLY A 54 -26.43 -15.30 -1.19
CA GLY A 54 -26.90 -15.16 -2.57
C GLY A 54 -28.34 -14.72 -2.76
N SER A 55 -29.13 -14.67 -1.67
CA SER A 55 -30.55 -14.38 -1.73
C SER A 55 -30.91 -12.94 -1.37
N TRP A 56 -29.94 -12.14 -0.88
CA TRP A 56 -30.22 -10.77 -0.47
C TRP A 56 -29.11 -9.84 -0.93
N ALA A 57 -29.46 -8.56 -1.14
CA ALA A 57 -28.54 -7.55 -1.71
C ALA A 57 -27.70 -6.80 -0.69
N TYR A 58 -26.47 -6.50 -1.08
CA TYR A 58 -25.54 -5.67 -0.31
C TYR A 58 -24.85 -4.74 -1.30
N TYR A 59 -24.05 -3.83 -0.80
CA TYR A 59 -23.40 -2.83 -1.66
C TYR A 59 -21.93 -2.84 -1.47
N ARG A 60 -21.19 -2.70 -2.59
CA ARG A 60 -19.73 -2.74 -2.57
C ARG A 60 -19.09 -1.40 -2.80
N GLU A 61 -18.01 -1.13 -2.03
CA GLU A 61 -17.11 0.02 -2.24
C GLU A 61 -15.69 -0.52 -2.06
N TYR A 62 -14.85 -0.46 -3.13
CA TYR A 62 -13.47 -0.98 -3.02
C TYR A 62 -12.49 0.15 -3.26
N ILE A 63 -11.44 0.21 -2.46
CA ILE A 63 -10.41 1.26 -2.58
C ILE A 63 -9.03 0.63 -2.43
N ALA A 64 -8.18 0.76 -3.44
CA ALA A 64 -6.81 0.26 -3.31
C ALA A 64 -5.95 1.28 -2.58
N TRP A 65 -4.96 0.78 -1.82
CA TRP A 65 -4.04 1.63 -1.07
C TRP A 65 -2.60 1.24 -1.32
N VAL A 66 -1.70 2.25 -1.34
CA VAL A 66 -0.27 2.04 -1.23
C VAL A 66 0.17 3.04 -0.16
N VAL A 67 0.82 2.57 0.92
CA VAL A 67 1.31 3.46 1.97
C VAL A 67 2.81 3.26 1.96
N PHE A 68 3.56 4.31 1.58
CA PHE A 68 4.99 4.17 1.33
C PHE A 68 5.77 5.18 2.17
N PRO A 69 6.92 4.80 2.73
CA PRO A 69 7.68 5.75 3.58
C PRO A 69 8.27 6.90 2.78
N LYS A 70 8.32 8.08 3.42
CA LYS A 70 8.98 9.26 2.84
C LYS A 70 10.47 9.27 3.17
N LYS A 71 10.92 8.48 4.17
CA LYS A 71 12.30 8.45 4.59
C LYS A 71 12.56 7.08 5.12
N VAL A 72 13.75 6.55 4.80
N VAL A 72 13.75 6.58 4.82
CA VAL A 72 14.17 5.22 5.26
CA VAL A 72 14.18 5.30 5.36
C VAL A 72 15.60 5.35 5.79
C VAL A 72 15.56 5.52 5.92
N MET A 73 15.84 4.85 7.01
CA MET A 73 17.17 4.98 7.61
C MET A 73 18.11 3.87 7.14
N THR A 74 19.38 4.21 6.88
CA THR A 74 20.38 3.20 6.54
C THR A 74 20.81 2.50 7.87
N LYS A 75 21.49 1.34 7.76
CA LYS A 75 21.93 0.62 8.95
C LYS A 75 22.92 1.43 9.82
N ASN A 76 23.69 2.36 9.20
CA ASN A 76 24.64 3.22 9.91
C ASN A 76 24.05 4.58 10.37
N GLY A 77 22.71 4.72 10.30
CA GLY A 77 22.00 5.89 10.82
C GLY A 77 21.88 7.15 10.01
N TYR A 78 21.74 6.99 8.68
CA TYR A 78 21.61 8.13 7.77
C TYR A 78 20.27 8.05 7.05
N PRO A 79 19.59 9.19 6.89
CA PRO A 79 18.28 9.18 6.20
C PRO A 79 18.43 9.14 4.68
N LEU A 80 17.63 8.29 4.00
CA LEU A 80 17.49 8.32 2.53
C LEU A 80 16.08 8.88 2.32
N PHE A 81 15.95 9.89 1.45
CA PHE A 81 14.72 10.59 1.23
C PHE A 81 14.05 10.04 0.02
N ILE A 82 12.80 9.63 0.15
CA ILE A 82 12.02 9.05 -0.95
C ILE A 82 11.11 10.12 -1.50
N GLU A 83 11.22 10.39 -2.82
CA GLU A 83 10.43 11.44 -3.41
C GLU A 83 9.60 10.88 -4.56
N VAL A 84 8.31 11.21 -4.61
CA VAL A 84 7.47 10.71 -5.70
C VAL A 84 7.80 11.48 -6.96
N HIS A 85 8.04 10.76 -8.05
CA HIS A 85 8.37 11.34 -9.34
C HIS A 85 7.18 11.25 -10.28
N ASN A 86 6.45 10.11 -10.24
CA ASN A 86 5.30 9.93 -11.12
C ASN A 86 4.35 8.99 -10.44
N LYS A 87 3.21 9.56 -9.99
CA LYS A 87 2.19 8.79 -9.28
C LYS A 87 1.11 8.17 -10.19
N GLY A 88 1.22 8.35 -11.51
CA GLY A 88 0.21 7.79 -12.40
C GLY A 88 -1.17 8.32 -12.04
N SER A 89 -2.16 7.43 -12.01
CA SER A 89 -3.55 7.83 -11.73
C SER A 89 -3.87 7.84 -10.23
N TRP A 90 -2.91 7.49 -9.37
CA TRP A 90 -3.18 7.42 -7.94
C TRP A 90 -3.54 8.76 -7.33
N SER A 91 -4.42 8.72 -6.30
CA SER A 91 -4.78 9.92 -5.55
C SER A 91 -3.81 10.03 -4.39
N GLU A 92 -2.97 11.06 -4.38
CA GLU A 92 -1.97 11.26 -3.31
C GLU A 92 -2.62 12.11 -2.25
N GLU A 93 -2.82 11.53 -1.05
CA GLU A 93 -3.64 12.17 0.00
C GLU A 93 -2.90 12.35 1.31
N ASN A 94 -3.47 13.18 2.21
CA ASN A 94 -2.89 13.43 3.54
C ASN A 94 -1.42 13.83 3.38
N THR A 95 -1.15 14.79 2.47
CA THR A 95 0.19 15.20 2.10
C THR A 95 0.98 15.89 3.20
N GLY A 96 0.29 16.31 4.25
CA GLY A 96 0.96 16.92 5.40
C GLY A 96 1.69 15.94 6.30
N ASP A 97 1.44 14.61 6.15
CA ASP A 97 2.10 13.62 7.00
C ASP A 97 3.59 13.68 6.74
N ASN A 98 4.36 13.66 7.83
CA ASN A 98 5.80 13.77 7.77
C ASN A 98 6.51 12.48 7.39
N ASP A 99 5.87 11.33 7.62
CA ASP A 99 6.55 10.05 7.49
C ASP A 99 6.20 9.19 6.32
N SER A 100 4.96 9.27 5.84
CA SER A 100 4.50 8.34 4.81
C SER A 100 3.63 9.04 3.75
N TYR A 101 3.71 8.50 2.53
CA TYR A 101 2.85 8.82 1.42
C TYR A 101 1.63 7.90 1.54
N PHE A 102 0.46 8.42 1.14
CA PHE A 102 -0.79 7.65 1.10
C PHE A 102 -1.30 7.82 -0.32
N PHE A 103 -1.35 6.71 -1.07
CA PHE A 103 -1.87 6.68 -2.45
C PHE A 103 -3.13 5.85 -2.44
N LEU A 104 -4.24 6.38 -2.99
CA LEU A 104 -5.50 5.66 -2.99
C LEU A 104 -6.08 5.58 -4.38
N LYS A 105 -6.84 4.51 -4.66
CA LYS A 105 -7.60 4.46 -5.91
C LYS A 105 -8.94 3.81 -5.62
N GLY A 106 -9.98 4.65 -5.56
CA GLY A 106 -11.33 4.18 -5.28
C GLY A 106 -11.97 3.90 -6.62
N TYR A 107 -12.15 2.61 -6.95
CA TYR A 107 -12.59 2.18 -8.29
C TYR A 107 -13.93 1.51 -8.38
N LYS A 108 -14.61 1.36 -7.22
CA LYS A 108 -15.94 0.76 -7.18
C LYS A 108 -16.70 1.34 -6.02
N TRP A 109 -17.93 1.77 -6.27
CA TRP A 109 -18.75 2.34 -5.19
C TRP A 109 -20.19 2.16 -5.50
N ASP A 110 -21.05 2.09 -4.46
CA ASP A 110 -22.51 2.06 -4.63
C ASP A 110 -22.98 0.93 -5.54
N GLN A 111 -22.21 -0.16 -5.59
CA GLN A 111 -22.57 -1.27 -6.48
C GLN A 111 -23.39 -2.32 -5.74
N ARG A 112 -24.65 -2.45 -6.13
CA ARG A 112 -25.56 -3.40 -5.52
C ARG A 112 -25.18 -4.79 -6.03
N ALA A 113 -25.18 -5.79 -5.16
CA ALA A 113 -24.84 -7.16 -5.57
C ALA A 113 -25.55 -8.18 -4.72
N PHE A 114 -25.85 -9.34 -5.30
CA PHE A 114 -26.45 -10.48 -4.57
C PHE A 114 -25.45 -11.64 -4.50
N ASP A 115 -24.31 -11.56 -5.19
CA ASP A 115 -23.34 -12.68 -5.24
C ASP A 115 -22.98 -13.21 -3.87
N THR A 116 -22.91 -14.55 -3.74
CA THR A 116 -22.47 -15.12 -2.46
C THR A 116 -21.09 -14.57 -2.18
N ALA A 117 -20.84 -14.27 -0.92
CA ALA A 117 -19.59 -13.62 -0.57
C ALA A 117 -19.22 -13.72 0.89
N ASN A 118 -17.92 -13.76 1.15
CA ASN A 118 -17.39 -13.75 2.51
C ASN A 118 -17.26 -12.26 2.83
N LEU A 119 -18.21 -11.77 3.63
CA LEU A 119 -18.34 -10.32 3.93
C LEU A 119 -17.48 -9.78 5.05
N CYS A 120 -16.85 -10.64 5.84
CA CYS A 120 -15.98 -10.19 6.92
C CYS A 120 -14.93 -11.21 7.28
N GLN A 121 -13.97 -11.38 6.38
CA GLN A 121 -12.88 -12.29 6.65
C GLN A 121 -11.99 -11.78 7.77
N LYS A 122 -11.53 -12.70 8.61
CA LYS A 122 -10.74 -12.43 9.81
C LYS A 122 -9.30 -12.18 9.51
N PRO A 123 -8.55 -11.41 10.37
CA PRO A 123 -7.10 -11.30 10.15
C PRO A 123 -6.44 -12.68 10.03
N GLY A 124 -5.58 -12.86 9.03
CA GLY A 124 -4.90 -14.12 8.76
C GLY A 124 -5.51 -14.92 7.62
N GLU A 125 -6.80 -14.68 7.31
CA GLU A 125 -7.46 -15.33 6.19
C GLU A 125 -6.90 -14.82 4.85
N THR A 126 -6.86 -15.70 3.84
CA THR A 126 -6.29 -15.31 2.53
C THR A 126 -7.27 -15.39 1.37
N THR A 127 -6.97 -14.65 0.29
CA THR A 127 -7.73 -14.66 -0.97
C THR A 127 -6.86 -14.18 -2.12
N ARG A 128 -7.19 -14.58 -3.35
CA ARG A 128 -6.43 -14.12 -4.49
C ARG A 128 -6.99 -12.79 -4.94
N LEU A 129 -6.10 -11.80 -5.16
CA LEU A 129 -6.52 -10.50 -5.68
C LEU A 129 -5.94 -10.45 -7.09
N THR A 130 -6.81 -10.35 -8.11
CA THR A 130 -6.33 -10.30 -9.50
C THR A 130 -6.30 -8.87 -10.05
N GLU A 131 -6.83 -7.89 -9.29
CA GLU A 131 -6.83 -6.50 -9.76
C GLU A 131 -5.40 -6.00 -9.96
N LYS A 132 -5.23 -5.16 -10.99
CA LYS A 132 -3.95 -4.51 -11.32
C LYS A 132 -4.14 -3.01 -11.22
N PHE A 133 -3.17 -2.34 -10.60
CA PHE A 133 -3.16 -0.90 -10.52
C PHE A 133 -1.88 -0.33 -11.09
N ASP A 134 -1.88 0.97 -11.30
CA ASP A 134 -0.77 1.70 -11.88
C ASP A 134 0.53 1.65 -11.08
N ASP A 135 1.66 1.78 -11.80
CA ASP A 135 2.98 1.89 -11.20
C ASP A 135 3.10 3.23 -10.51
N ILE A 136 4.06 3.33 -9.59
CA ILE A 136 4.46 4.58 -8.94
C ILE A 136 5.97 4.66 -9.11
N ILE A 137 6.48 5.78 -9.63
CA ILE A 137 7.91 5.96 -9.84
C ILE A 137 8.44 6.86 -8.71
N PHE A 138 9.48 6.38 -8.01
CA PHE A 138 10.10 7.16 -6.94
C PHE A 138 11.54 7.49 -7.27
N LYS A 139 12.04 8.60 -6.70
CA LYS A 139 13.46 8.93 -6.77
C LYS A 139 13.96 8.94 -5.33
N VAL A 140 15.25 8.69 -5.12
CA VAL A 140 15.85 8.67 -3.80
C VAL A 140 16.91 9.78 -3.74
N ALA A 141 16.89 10.59 -2.68
CA ALA A 141 17.98 11.57 -2.49
C ALA A 141 18.85 11.09 -1.35
N LEU A 142 20.15 10.97 -1.61
CA LEU A 142 21.08 10.54 -0.58
C LEU A 142 21.58 11.81 0.14
N PRO A 143 21.83 11.74 1.47
CA PRO A 143 22.37 12.92 2.17
C PRO A 143 23.84 13.12 1.79
N ALA A 144 24.30 14.38 1.66
CA ALA A 144 25.67 14.63 1.21
C ALA A 144 26.75 14.09 2.14
N ASP A 145 26.41 13.88 3.43
CA ASP A 145 27.33 13.37 4.46
C ASP A 145 27.30 11.84 4.56
N LEU A 146 26.55 11.17 3.64
CA LEU A 146 26.49 9.71 3.68
C LEU A 146 27.91 9.13 3.57
N PRO A 147 28.34 8.29 4.54
CA PRO A 147 29.68 7.68 4.42
C PRO A 147 29.81 6.83 3.15
N LEU A 148 31.01 6.78 2.60
CA LEU A 148 31.25 5.98 1.39
C LEU A 148 31.09 4.51 1.75
N GLY A 149 30.71 3.70 0.77
CA GLY A 149 30.63 2.28 1.04
C GLY A 149 29.39 1.62 0.49
N ASP A 150 29.30 0.31 0.76
CA ASP A 150 28.17 -0.49 0.28
C ASP A 150 26.93 -0.28 1.14
N TYR A 151 25.77 -0.17 0.49
CA TYR A 151 24.50 0.00 1.20
C TYR A 151 23.47 -0.98 0.73
N SER A 152 22.75 -1.54 1.71
CA SER A 152 21.63 -2.42 1.49
C SER A 152 20.54 -1.85 2.39
N VAL A 153 19.49 -1.33 1.77
CA VAL A 153 18.44 -0.72 2.56
C VAL A 153 17.10 -1.41 2.22
N THR A 154 16.46 -2.03 3.23
CA THR A 154 15.15 -2.63 3.02
C THR A 154 14.10 -1.51 3.12
N ILE A 155 13.28 -1.35 2.06
CA ILE A 155 12.21 -0.34 2.01
C ILE A 155 10.86 -1.08 2.15
N PRO A 156 10.31 -1.15 3.36
CA PRO A 156 9.03 -1.88 3.56
C PRO A 156 7.87 -0.96 3.27
N TYR A 157 6.78 -1.52 2.70
CA TYR A 157 5.61 -0.69 2.44
C TYR A 157 4.37 -1.54 2.41
N THR A 158 3.20 -0.87 2.48
CA THR A 158 1.92 -1.56 2.46
C THR A 158 1.26 -1.37 1.10
N SER A 159 0.63 -2.43 0.56
CA SER A 159 -0.24 -2.30 -0.61
C SER A 159 -1.37 -3.30 -0.39
N GLY A 160 -2.55 -2.94 -0.85
CA GLY A 160 -3.66 -3.86 -0.72
C GLY A 160 -4.97 -3.17 -1.01
N ILE A 161 -6.06 -3.93 -0.86
CA ILE A 161 -7.39 -3.41 -1.20
C ILE A 161 -8.28 -3.44 0.00
N GLN A 162 -8.90 -2.30 0.25
CA GLN A 162 -9.92 -2.16 1.28
C GLN A 162 -11.27 -2.52 0.62
N ARG A 163 -11.95 -3.57 1.10
N ARG A 163 -11.95 -3.59 1.09
CA ARG A 163 -13.29 -3.94 0.59
CA ARG A 163 -13.28 -3.91 0.60
C ARG A 163 -14.32 -3.59 1.64
C ARG A 163 -14.26 -3.50 1.68
N HIS A 164 -15.27 -2.70 1.30
CA HIS A 164 -16.31 -2.24 2.21
C HIS A 164 -17.65 -2.73 1.67
N PHE A 165 -18.32 -3.58 2.46
CA PHE A 165 -19.64 -4.10 2.12
C PHE A 165 -20.62 -3.42 3.06
N ALA A 166 -21.75 -2.98 2.54
CA ALA A 166 -22.73 -2.29 3.40
C ALA A 166 -24.13 -2.75 3.07
N SER A 167 -25.06 -2.52 4.03
CA SER A 167 -26.46 -2.88 3.79
C SER A 167 -27.23 -1.86 2.93
N TYR A 168 -26.62 -0.70 2.65
CA TYR A 168 -27.31 0.41 2.03
C TYR A 168 -26.54 1.10 0.93
N LEU A 169 -27.29 1.77 0.04
CA LEU A 169 -26.79 2.55 -1.07
C LEU A 169 -26.26 3.89 -0.57
N GLY A 170 -25.10 4.28 -1.10
CA GLY A 170 -24.42 5.52 -0.77
C GLY A 170 -23.41 5.38 0.35
N ALA A 171 -23.13 4.13 0.75
CA ALA A 171 -22.19 3.88 1.84
C ALA A 171 -20.77 4.30 1.50
N ARG A 172 -20.10 4.96 2.44
CA ARG A 172 -18.74 5.41 2.22
C ARG A 172 -17.93 5.16 3.48
N PHE A 173 -16.74 4.62 3.30
CA PHE A 173 -15.82 4.44 4.40
C PHE A 173 -14.42 4.41 3.85
N LYS A 174 -13.51 5.19 4.47
CA LYS A 174 -12.10 5.17 4.11
C LYS A 174 -11.37 4.85 5.40
N ILE A 175 -10.45 3.85 5.33
CA ILE A 175 -9.67 3.53 6.53
C ILE A 175 -9.00 4.85 6.97
N PRO A 176 -9.09 5.20 8.27
CA PRO A 176 -8.44 6.44 8.71
C PRO A 176 -6.95 6.45 8.38
N TYR A 177 -6.41 7.61 7.98
CA TYR A 177 -4.99 7.66 7.64
C TYR A 177 -4.10 7.20 8.81
N ASN A 178 -4.51 7.50 10.06
CA ASN A 178 -3.70 7.06 11.21
C ASN A 178 -3.69 5.54 11.43
N VAL A 179 -4.67 4.84 10.85
CA VAL A 179 -4.74 3.39 10.89
C VAL A 179 -3.96 2.85 9.68
N ALA A 180 -4.19 3.44 8.49
CA ALA A 180 -3.49 2.98 7.29
C ALA A 180 -1.97 3.08 7.50
N LYS A 181 -1.54 4.16 8.20
CA LYS A 181 -0.12 4.40 8.44
C LYS A 181 0.54 3.28 9.23
N THR A 182 -0.23 2.56 10.05
CA THR A 182 0.27 1.49 10.92
C THR A 182 -0.15 0.11 10.46
N LEU A 183 -0.76 -0.02 9.25
CA LEU A 183 -1.06 -1.37 8.77
C LEU A 183 0.27 -2.09 8.55
N PRO A 184 0.31 -3.43 8.70
CA PRO A 184 1.59 -4.14 8.47
C PRO A 184 2.15 -3.83 7.07
N ARG A 185 3.46 -3.59 6.98
CA ARG A 185 4.14 -3.28 5.69
C ARG A 185 4.70 -4.60 5.18
N GLU A 186 3.87 -5.35 4.46
CA GLU A 186 4.23 -6.70 4.06
C GLU A 186 5.02 -6.78 2.78
N ASN A 187 5.11 -5.67 2.03
CA ASN A 187 5.96 -5.64 0.84
C ASN A 187 7.31 -5.12 1.21
N GLU A 188 8.35 -5.54 0.48
CA GLU A 188 9.67 -4.99 0.72
C GLU A 188 10.36 -4.80 -0.59
N MET A 189 11.03 -3.65 -0.76
CA MET A 189 11.94 -3.49 -1.89
C MET A 189 13.32 -3.34 -1.29
N LEU A 190 14.23 -4.23 -1.66
CA LEU A 190 15.61 -4.16 -1.19
C LEU A 190 16.39 -3.25 -2.15
N PHE A 191 16.88 -2.11 -1.66
CA PHE A 191 17.62 -1.17 -2.48
C PHE A 191 19.09 -1.33 -2.23
N LEU A 192 19.83 -1.75 -3.27
CA LEU A 192 21.27 -1.99 -3.13
C LEU A 192 22.03 -0.97 -3.96
N PHE A 193 23.05 -0.36 -3.35
CA PHE A 193 23.92 0.57 -4.10
C PHE A 193 25.27 0.72 -3.41
N LYS A 194 26.22 1.38 -4.08
CA LYS A 194 27.49 1.66 -3.44
C LYS A 194 27.74 3.15 -3.57
N ASN A 195 27.93 3.84 -2.45
CA ASN A 195 28.24 5.27 -2.46
C ASN A 195 29.71 5.40 -2.76
N ILE A 196 30.04 5.96 -3.94
CA ILE A 196 31.43 6.19 -4.37
C ILE A 196 31.81 7.68 -4.32
N GLY A 197 33.08 7.96 -4.62
CA GLY A 197 33.62 9.31 -4.66
C GLY A 197 33.48 10.00 -6.01
#